data_4RS0
#
_entry.id   4RS0
#
_cell.length_a   173.207
_cell.length_b   173.207
_cell.length_c   204.364
_cell.angle_alpha   90.00
_cell.angle_beta   90.00
_cell.angle_gamma   90.00
#
_symmetry.space_group_name_H-M   'I 41 2 2'
#
loop_
_entity.id
_entity.type
_entity.pdbx_description
1 polymer 'Prostaglandin G/H synthase 2'
2 branched 2-acetamido-2-deoxy-beta-D-glucopyranose-(1-4)-2-acetamido-2-deoxy-beta-D-glucopyranose
3 non-polymer 'octyl beta-D-glucopyranoside'
4 non-polymer 2-acetamido-2-deoxy-beta-D-glucopyranose
5 non-polymer IBUPROFEN
6 water water
#
_entity_poly.entity_id   1
_entity_poly.type   'polypeptide(L)'
_entity_poly.pdbx_seq_one_letter_code
;ANPCCSNPCQNRGECMSTGFDQYKCDCTRTGFYGENCTTPEFLTRIKLLLKPTPNTVWYILTHFKGVWNIVNNIPFLRSL
IMKYVLTSRSYLIDSPPTYNVHYGYKSWEAFSNLSYYTRALPPVADDCPTPMGVKGNKELPDSKEVLEKVLLRREFIPDP
QGSNMMFAFFAQHFTHQFFKTDHKRGPGFTRGLGHGVDLNHIYGETLDRQHKLRLFKDGKLKYQVIGGEVYPPTVKDTQV
EMIYPPHIPENLQFAVGQEVFGLVPGLMMYATIWLREHNRVCDILKQEHPEWGDEQLFQTSRLILIGETIKIVIEDYVQH
LSGYHFKLKFDPELLFNQQFQYQNRIASEFNTLYHWHPLLPDTFNIEDQEYSFKQFLYNNSILLEHGLTQFVESFTRQIA
GRVAGGRNVPIAVQAVAKASIDQSREMKYQSLNEYRKRFSLKPYTSFEELTGEKEMAAELKALYSDIDVMELYPALLVEK
PRPDAIFGETMVELGAPFSLKGLMGNPICSPQYWKPSTFGGEVGFKIINTASIQSLICNNVKGCPFTSFNVQDPQPTKTA
TINASASHSRLDDINPTVLIKRRSTEL
;
_entity_poly.pdbx_strand_id   A
#
loop_
_chem_comp.id
_chem_comp.type
_chem_comp.name
_chem_comp.formula
BOG D-saccharide 'octyl beta-D-glucopyranoside' 'C14 H28 O6'
IBP non-polymer IBUPROFEN 'C13 H18 O2'
NAG D-saccharide, beta linking 2-acetamido-2-deoxy-beta-D-glucopyranose 'C8 H15 N O6'
#
# COMPACT_ATOMS: atom_id res chain seq x y z
N ALA A 1 32.51 -11.36 9.09
CA ALA A 1 33.57 -10.49 9.58
C ALA A 1 33.00 -9.34 10.40
N ASN A 2 32.11 -8.57 9.78
CA ASN A 2 31.45 -7.44 10.44
C ASN A 2 30.79 -7.87 11.75
N PRO A 3 31.24 -7.28 12.87
CA PRO A 3 30.78 -7.67 14.21
C PRO A 3 29.30 -7.33 14.46
N CYS A 4 28.67 -6.63 13.52
CA CYS A 4 27.25 -6.29 13.67
C CYS A 4 26.35 -7.24 12.89
N CYS A 5 26.94 -8.24 12.25
CA CYS A 5 26.20 -9.17 11.40
C CYS A 5 25.13 -9.95 12.16
N SER A 6 25.34 -10.17 13.45
CA SER A 6 24.41 -10.96 14.24
C SER A 6 23.19 -10.14 14.67
N ASN A 7 23.18 -8.87 14.29
CA ASN A 7 22.14 -7.93 14.71
C ASN A 7 21.97 -7.93 16.23
N PRO A 8 23.03 -7.56 16.97
CA PRO A 8 23.02 -7.70 18.44
C PRO A 8 22.16 -6.67 19.15
N CYS A 9 21.99 -5.49 18.56
CA CYS A 9 21.29 -4.40 19.21
C CYS A 9 19.78 -4.57 19.17
N GLN A 10 19.15 -4.44 20.33
CA GLN A 10 17.71 -4.64 20.44
C GLN A 10 16.99 -3.31 20.68
N ASN A 11 15.66 -3.33 20.54
CA ASN A 11 14.80 -2.19 20.80
C ASN A 11 15.21 -0.93 20.03
N ARG A 12 15.55 -1.13 18.76
CA ARG A 12 15.87 -0.05 17.81
C ARG A 12 17.12 0.72 18.17
N GLY A 13 18.00 0.12 18.97
CA GLY A 13 19.32 0.68 19.20
C GLY A 13 20.15 0.48 17.95
N GLU A 14 21.09 1.38 17.69
CA GLU A 14 21.88 1.30 16.46
C GLU A 14 23.24 0.67 16.71
N CYS A 15 23.62 -0.26 15.83
CA CYS A 15 24.88 -0.99 15.97
C CYS A 15 26.01 -0.33 15.19
N MET A 16 27.15 -0.17 15.86
CA MET A 16 28.34 0.40 15.24
C MET A 16 29.56 -0.43 15.59
N SER A 17 30.38 -0.75 14.60
CA SER A 17 31.59 -1.50 14.84
C SER A 17 32.66 -0.59 15.46
N THR A 18 33.37 -1.11 16.46
CA THR A 18 34.43 -0.37 17.11
C THR A 18 35.72 -1.17 17.07
N GLY A 19 36.15 -1.51 15.87
CA GLY A 19 37.27 -2.41 15.67
C GLY A 19 36.85 -3.54 14.76
N PHE A 20 37.72 -4.52 14.55
CA PHE A 20 37.42 -5.62 13.65
C PHE A 20 36.49 -6.67 14.27
N ASP A 21 36.58 -6.83 15.59
CA ASP A 21 35.80 -7.87 16.26
C ASP A 21 35.01 -7.34 17.46
N GLN A 22 34.73 -6.04 17.47
CA GLN A 22 33.95 -5.44 18.55
C GLN A 22 32.88 -4.49 18.03
N TYR A 23 31.80 -4.34 18.80
CA TYR A 23 30.73 -3.42 18.44
C TYR A 23 30.29 -2.61 19.65
N LYS A 24 29.51 -1.56 19.39
CA LYS A 24 28.88 -0.78 20.44
C LYS A 24 27.46 -0.41 20.02
N CYS A 25 26.52 -0.44 20.96
CA CYS A 25 25.14 -0.11 20.67
C CYS A 25 24.77 1.29 21.15
N ASP A 26 24.22 2.10 20.25
CA ASP A 26 23.72 3.42 20.61
C ASP A 26 22.28 3.30 21.08
N CYS A 27 22.08 3.44 22.39
CA CYS A 27 20.76 3.24 22.99
C CYS A 27 20.01 4.55 23.22
N THR A 28 20.44 5.60 22.52
CA THR A 28 19.85 6.93 22.69
C THR A 28 18.34 6.95 22.40
N ARG A 29 17.57 7.39 23.38
CA ARG A 29 16.12 7.54 23.27
C ARG A 29 15.38 6.26 22.90
N THR A 30 15.97 5.11 23.19
CA THR A 30 15.32 3.83 22.94
C THR A 30 14.48 3.40 24.14
N GLY A 31 14.79 3.95 25.30
CA GLY A 31 14.12 3.58 26.53
C GLY A 31 14.85 2.47 27.26
N PHE A 32 15.95 2.01 26.67
CA PHE A 32 16.75 0.93 27.24
C PHE A 32 18.22 1.33 27.36
N TYR A 33 18.96 0.59 28.17
CA TYR A 33 20.41 0.73 28.23
C TYR A 33 21.06 -0.64 28.39
N GLY A 34 22.38 -0.65 28.48
CA GLY A 34 23.11 -1.91 28.53
C GLY A 34 23.82 -2.18 27.21
N GLU A 35 24.63 -3.23 27.17
CA GLU A 35 25.45 -3.53 26.01
C GLU A 35 24.61 -3.73 24.74
N ASN A 36 23.41 -4.28 24.89
CA ASN A 36 22.56 -4.59 23.74
C ASN A 36 21.22 -3.85 23.79
N CYS A 37 21.12 -2.84 24.65
CA CYS A 37 19.88 -2.07 24.82
C CYS A 37 18.71 -2.97 25.21
N THR A 38 18.92 -3.81 26.23
CA THR A 38 17.89 -4.75 26.65
C THR A 38 17.43 -4.50 28.09
N THR A 39 18.20 -3.71 28.84
CA THR A 39 17.83 -3.36 30.21
C THR A 39 16.92 -2.14 30.23
N PRO A 40 15.67 -2.33 30.67
CA PRO A 40 14.67 -1.26 30.63
C PRO A 40 14.92 -0.16 31.64
N GLU A 41 14.69 1.09 31.25
CA GLU A 41 14.62 2.18 32.20
C GLU A 41 13.36 1.98 33.04
N PHE A 42 13.28 2.65 34.18
CA PHE A 42 12.15 2.45 35.09
C PHE A 42 10.82 2.76 34.43
N LEU A 43 10.73 3.91 33.77
CA LEU A 43 9.51 4.33 33.12
C LEU A 43 9.15 3.39 31.96
N THR A 44 10.17 2.74 31.40
CA THR A 44 9.98 1.84 30.27
C THR A 44 9.32 0.53 30.69
N ARG A 45 9.81 -0.09 31.75
CA ARG A 45 9.25 -1.37 32.20
C ARG A 45 7.85 -1.19 32.80
N ILE A 46 7.48 0.05 33.09
CA ILE A 46 6.12 0.35 33.50
C ILE A 46 5.20 0.31 32.28
N LYS A 47 5.60 1.01 31.22
CA LYS A 47 4.83 1.03 29.98
C LYS A 47 4.74 -0.37 29.38
N LEU A 48 5.76 -1.18 29.59
CA LEU A 48 5.78 -2.55 29.07
C LEU A 48 4.75 -3.44 29.74
N LEU A 49 4.42 -3.15 30.99
CA LEU A 49 3.43 -3.92 31.72
C LEU A 49 2.01 -3.57 31.28
N LEU A 50 1.79 -2.30 30.96
CA LEU A 50 0.45 -1.82 30.62
C LEU A 50 0.11 -2.04 29.15
N LYS A 51 1.12 -2.08 28.29
CA LYS A 51 0.91 -2.19 26.85
C LYS A 51 0.33 -3.54 26.46
N PRO A 52 -0.88 -3.54 25.87
CA PRO A 52 -1.52 -4.76 25.40
C PRO A 52 -0.93 -5.26 24.09
N THR A 53 -1.00 -6.57 23.87
CA THR A 53 -0.48 -7.17 22.64
C THR A 53 -1.28 -6.71 21.42
N PRO A 54 -0.67 -6.74 20.23
CA PRO A 54 -1.38 -6.40 18.99
C PRO A 54 -2.61 -7.27 18.76
N ASN A 55 -2.56 -8.54 19.15
CA ASN A 55 -3.70 -9.43 18.98
C ASN A 55 -4.84 -9.10 19.95
N THR A 56 -4.48 -8.65 21.14
CA THR A 56 -5.48 -8.20 22.12
C THR A 56 -6.21 -6.96 21.60
N VAL A 57 -5.46 -6.01 21.09
CA VAL A 57 -6.02 -4.78 20.54
C VAL A 57 -6.89 -5.09 19.33
N TRP A 58 -6.44 -6.01 18.48
CA TRP A 58 -7.19 -6.41 17.30
C TRP A 58 -8.54 -7.02 17.67
N TYR A 59 -8.56 -7.82 18.73
CA TYR A 59 -9.79 -8.46 19.19
C TYR A 59 -10.81 -7.41 19.63
N ILE A 60 -10.36 -6.46 20.45
CA ILE A 60 -11.24 -5.40 20.96
C ILE A 60 -11.78 -4.53 19.82
N LEU A 61 -10.96 -4.33 18.79
CA LEU A 61 -11.36 -3.49 17.67
C LEU A 61 -12.31 -4.20 16.70
N THR A 62 -12.30 -5.53 16.71
CA THR A 62 -13.16 -6.29 15.80
C THR A 62 -14.31 -6.98 16.53
N HIS A 63 -14.47 -6.66 17.82
CA HIS A 63 -15.60 -7.14 18.59
C HIS A 63 -16.26 -6.00 19.36
N PHE A 64 -17.21 -6.33 20.21
CA PHE A 64 -17.96 -5.34 21.00
C PHE A 64 -18.57 -4.28 20.09
N LYS A 65 -19.25 -4.72 19.04
CA LYS A 65 -19.81 -3.84 18.02
C LYS A 65 -20.77 -2.80 18.60
N GLY A 66 -21.51 -3.19 19.64
CA GLY A 66 -22.45 -2.30 20.28
C GLY A 66 -21.78 -1.13 20.99
N VAL A 67 -20.65 -1.41 21.63
CA VAL A 67 -19.91 -0.39 22.34
C VAL A 67 -19.31 0.64 21.38
N TRP A 68 -18.82 0.16 20.24
CA TRP A 68 -18.22 1.04 19.25
C TRP A 68 -19.25 1.93 18.57
N ASN A 69 -20.49 1.43 18.46
CA ASN A 69 -21.59 2.24 17.94
C ASN A 69 -21.83 3.47 18.81
N ILE A 70 -21.56 3.33 20.11
CA ILE A 70 -21.68 4.43 21.04
C ILE A 70 -20.50 5.38 20.87
N VAL A 71 -19.30 4.82 20.79
CA VAL A 71 -18.08 5.61 20.64
C VAL A 71 -18.07 6.39 19.33
N ASN A 72 -18.53 5.77 18.26
CA ASN A 72 -18.55 6.40 16.94
C ASN A 72 -19.44 7.64 16.87
N ASN A 73 -20.40 7.74 17.78
CA ASN A 73 -21.33 8.86 17.78
C ASN A 73 -20.97 9.92 18.83
N ILE A 74 -19.83 9.75 19.48
CA ILE A 74 -19.30 10.77 20.37
C ILE A 74 -18.05 11.37 19.74
N PRO A 75 -18.23 12.50 19.03
CA PRO A 75 -17.20 13.14 18.20
C PRO A 75 -15.87 13.36 18.93
N PHE A 76 -15.94 13.86 20.16
CA PHE A 76 -14.72 14.12 20.92
C PHE A 76 -13.97 12.83 21.24
N LEU A 77 -14.74 11.75 21.45
CA LEU A 77 -14.16 10.46 21.78
C LEU A 77 -13.63 9.76 20.54
N ARG A 78 -14.34 9.92 19.42
CA ARG A 78 -13.91 9.36 18.15
C ARG A 78 -12.64 10.05 17.67
N SER A 79 -12.55 11.35 17.93
CA SER A 79 -11.36 12.13 17.57
C SER A 79 -10.17 11.71 18.42
N LEU A 80 -10.42 11.39 19.68
CA LEU A 80 -9.36 11.01 20.60
C LEU A 80 -8.75 9.67 20.22
N ILE A 81 -9.60 8.72 19.84
CA ILE A 81 -9.14 7.39 19.45
C ILE A 81 -8.36 7.45 18.13
N MET A 82 -8.91 8.15 17.14
CA MET A 82 -8.26 8.25 15.84
C MET A 82 -6.92 8.97 15.95
N LYS A 83 -6.85 9.97 16.84
CA LYS A 83 -5.60 10.67 17.07
C LYS A 83 -4.53 9.72 17.58
N TYR A 84 -4.91 8.84 18.50
CA TYR A 84 -3.97 7.87 19.05
C TYR A 84 -3.54 6.87 18.00
N VAL A 85 -4.45 6.51 17.10
CA VAL A 85 -4.14 5.57 16.03
C VAL A 85 -3.08 6.17 15.11
N LEU A 86 -3.27 7.43 14.73
CA LEU A 86 -2.34 8.11 13.85
C LEU A 86 -0.94 8.24 14.46
N THR A 87 -0.87 8.74 15.68
CA THR A 87 0.41 9.02 16.32
C THR A 87 1.17 7.75 16.70
N SER A 88 0.47 6.75 17.22
CA SER A 88 1.12 5.51 17.64
C SER A 88 1.66 4.71 16.46
N ARG A 89 0.95 4.75 15.34
CA ARG A 89 1.41 4.06 14.13
C ARG A 89 2.59 4.78 13.50
N SER A 90 2.54 6.11 13.51
CA SER A 90 3.57 6.92 12.86
C SER A 90 4.92 6.83 13.56
N TYR A 91 4.90 6.63 14.88
CA TYR A 91 6.11 6.59 15.69
C TYR A 91 7.04 5.45 15.27
N LEU A 92 6.49 4.46 14.59
CA LEU A 92 7.26 3.30 14.14
C LEU A 92 8.05 3.60 12.87
N ILE A 93 7.78 4.75 12.26
CA ILE A 93 8.43 5.13 11.01
C ILE A 93 9.48 6.22 11.21
N ASP A 94 10.67 6.01 10.66
CA ASP A 94 11.74 7.00 10.74
C ASP A 94 11.50 8.13 9.75
N SER A 95 11.35 9.34 10.26
CA SER A 95 11.13 10.52 9.44
C SER A 95 11.81 11.74 10.05
N PRO A 96 12.83 12.30 9.37
CA PRO A 96 13.41 11.98 8.05
C PRO A 96 13.96 10.55 7.92
N PRO A 97 13.94 10.01 6.69
CA PRO A 97 14.34 8.62 6.43
C PRO A 97 15.83 8.39 6.69
N THR A 98 16.23 7.13 6.75
CA THR A 98 17.61 6.78 7.06
C THR A 98 18.23 5.85 6.02
N TYR A 99 18.21 4.55 6.29
CA TYR A 99 18.91 3.57 5.47
C TYR A 99 18.27 3.32 4.12
N ASN A 100 19.06 2.79 3.18
CA ASN A 100 18.53 2.20 1.96
C ASN A 100 19.32 0.94 1.60
N VAL A 101 19.12 0.43 0.38
CA VAL A 101 19.70 -0.85 -0.02
C VAL A 101 21.24 -0.81 -0.04
N HIS A 102 21.83 0.37 -0.20
CA HIS A 102 23.27 0.50 -0.29
C HIS A 102 23.93 1.09 0.95
N TYR A 103 23.12 1.38 1.98
CA TYR A 103 23.66 2.03 3.18
C TYR A 103 23.05 1.51 4.48
N GLY A 104 23.84 0.73 5.21
CA GLY A 104 23.44 0.20 6.50
C GLY A 104 23.76 1.19 7.61
N TYR A 105 24.33 2.32 7.23
CA TYR A 105 24.58 3.43 8.13
C TYR A 105 23.94 4.68 7.55
N LYS A 106 23.68 5.67 8.39
CA LYS A 106 23.09 6.91 7.89
C LYS A 106 24.13 7.71 7.13
N SER A 107 23.71 8.26 5.99
CA SER A 107 24.60 9.06 5.16
C SER A 107 23.77 10.09 4.40
N TRP A 108 24.43 11.11 3.85
CA TRP A 108 23.71 12.13 3.10
C TRP A 108 23.26 11.59 1.75
N GLU A 109 23.98 10.59 1.24
CA GLU A 109 23.60 9.95 -0.01
C GLU A 109 22.28 9.21 0.17
N ALA A 110 22.15 8.51 1.29
CA ALA A 110 20.93 7.77 1.58
C ALA A 110 19.73 8.69 1.80
N PHE A 111 19.99 9.86 2.38
CA PHE A 111 18.92 10.81 2.68
C PHE A 111 18.43 11.58 1.46
N SER A 112 19.37 12.11 0.69
CA SER A 112 19.04 13.07 -0.36
C SER A 112 18.65 12.42 -1.69
N ASN A 113 19.19 11.25 -1.96
CA ASN A 113 18.95 10.56 -3.23
C ASN A 113 17.54 9.95 -3.26
N LEU A 114 16.62 10.66 -3.92
CA LEU A 114 15.21 10.27 -3.92
C LEU A 114 14.91 9.07 -4.83
N SER A 115 15.91 8.60 -5.55
CA SER A 115 15.72 7.49 -6.47
C SER A 115 15.66 6.15 -5.72
N TYR A 116 16.13 6.15 -4.48
CA TYR A 116 16.07 4.96 -3.63
C TYR A 116 14.73 4.81 -2.94
N TYR A 117 14.31 3.56 -2.72
CA TYR A 117 13.35 3.27 -1.67
C TYR A 117 14.12 3.37 -0.36
N THR A 118 13.51 3.93 0.68
CA THR A 118 14.16 3.92 1.99
C THR A 118 13.98 2.55 2.62
N ARG A 119 14.62 2.33 3.76
CA ARG A 119 14.56 1.02 4.42
C ARG A 119 14.23 1.12 5.91
N ALA A 120 13.24 0.36 6.35
CA ALA A 120 12.86 0.31 7.75
C ALA A 120 13.92 -0.41 8.57
N LEU A 121 14.61 -1.33 7.93
CA LEU A 121 15.77 -2.01 8.53
C LEU A 121 16.94 -1.99 7.56
N PRO A 122 18.16 -1.74 8.07
CA PRO A 122 19.35 -1.69 7.23
C PRO A 122 19.63 -3.06 6.61
N PRO A 123 20.21 -3.08 5.40
CA PRO A 123 20.50 -4.35 4.73
C PRO A 123 21.61 -5.12 5.44
N VAL A 124 21.60 -6.44 5.32
CA VAL A 124 22.68 -7.26 5.83
C VAL A 124 23.96 -6.96 5.07
N ALA A 125 25.04 -6.67 5.80
CA ALA A 125 26.31 -6.31 5.20
C ALA A 125 26.81 -7.40 4.24
N ASP A 126 27.57 -6.99 3.23
CA ASP A 126 28.04 -7.91 2.20
C ASP A 126 28.97 -9.00 2.75
N ASP A 127 29.77 -8.66 3.76
CA ASP A 127 30.80 -9.56 4.23
C ASP A 127 30.33 -10.46 5.39
N CYS A 128 29.02 -10.62 5.52
CA CYS A 128 28.46 -11.52 6.51
C CYS A 128 28.51 -12.97 6.01
N PRO A 129 28.74 -13.92 6.92
CA PRO A 129 28.85 -15.34 6.56
C PRO A 129 27.59 -15.91 5.92
N THR A 130 26.43 -15.60 6.49
CA THR A 130 25.16 -16.13 5.98
C THR A 130 24.27 -14.99 5.47
N PRO A 131 23.30 -15.32 4.59
CA PRO A 131 22.40 -14.29 4.03
C PRO A 131 21.62 -13.49 5.08
N MET A 132 21.29 -14.10 6.21
CA MET A 132 20.52 -13.41 7.24
C MET A 132 21.41 -12.87 8.36
N GLY A 133 22.73 -12.90 8.14
CA GLY A 133 23.67 -12.43 9.13
C GLY A 133 24.66 -13.50 9.55
N VAL A 134 24.33 -14.24 10.60
CA VAL A 134 25.18 -15.33 11.07
C VAL A 134 24.42 -16.65 11.17
N LYS A 135 23.09 -16.57 11.30
CA LYS A 135 22.27 -17.77 11.43
C LYS A 135 21.95 -18.40 10.08
N GLY A 136 21.66 -19.70 10.11
CA GLY A 136 21.27 -20.42 8.90
C GLY A 136 22.44 -20.92 8.08
N ASN A 137 22.13 -21.54 6.94
CA ASN A 137 23.16 -22.07 6.04
C ASN A 137 23.74 -20.98 5.14
N LYS A 138 24.73 -21.37 4.34
CA LYS A 138 25.41 -20.43 3.47
C LYS A 138 24.47 -19.89 2.38
N GLU A 139 23.53 -20.74 1.97
CA GLU A 139 22.53 -20.36 0.97
C GLU A 139 21.13 -20.51 1.53
N LEU A 140 20.23 -19.63 1.11
CA LEU A 140 18.82 -19.76 1.42
C LEU A 140 18.20 -20.84 0.53
N PRO A 141 17.12 -21.48 1.00
CA PRO A 141 16.48 -22.54 0.20
C PRO A 141 16.03 -22.07 -1.18
N ASP A 142 15.97 -22.99 -2.13
CA ASP A 142 15.55 -22.68 -3.49
C ASP A 142 14.22 -21.93 -3.49
N SER A 143 14.22 -20.75 -4.10
CA SER A 143 13.02 -19.92 -4.15
C SER A 143 11.90 -20.61 -4.91
N LYS A 144 12.28 -21.41 -5.91
CA LYS A 144 11.29 -22.16 -6.69
C LYS A 144 10.62 -23.24 -5.84
N GLU A 145 11.37 -23.82 -4.91
CA GLU A 145 10.83 -24.85 -4.03
C GLU A 145 9.91 -24.24 -2.99
N VAL A 146 10.32 -23.13 -2.41
CA VAL A 146 9.49 -22.39 -1.45
C VAL A 146 8.16 -22.01 -2.10
N LEU A 147 8.26 -21.54 -3.35
CA LEU A 147 7.08 -21.11 -4.11
C LEU A 147 6.09 -22.25 -4.34
N GLU A 148 6.60 -23.41 -4.71
CA GLU A 148 5.75 -24.53 -5.10
C GLU A 148 5.18 -25.29 -3.90
N LYS A 149 5.89 -25.27 -2.78
CA LYS A 149 5.51 -26.09 -1.64
C LYS A 149 4.53 -25.40 -0.68
N VAL A 150 4.61 -24.08 -0.55
CA VAL A 150 3.74 -23.37 0.39
C VAL A 150 3.04 -22.15 -0.18
N LEU A 151 3.36 -21.76 -1.41
CA LEU A 151 2.80 -20.53 -1.96
C LEU A 151 1.81 -20.73 -3.11
N LEU A 152 2.09 -21.69 -3.99
CA LEU A 152 1.26 -21.89 -5.17
C LEU A 152 -0.15 -22.36 -4.83
N ARG A 153 -1.11 -21.92 -5.64
CA ARG A 153 -2.52 -22.20 -5.40
C ARG A 153 -2.96 -23.53 -6.02
N ARG A 154 -3.45 -24.43 -5.18
CA ARG A 154 -4.05 -25.68 -5.65
C ARG A 154 -5.52 -25.46 -5.97
N GLU A 155 -6.18 -24.69 -5.12
CA GLU A 155 -7.58 -24.30 -5.35
C GLU A 155 -7.81 -22.92 -4.74
N PHE A 156 -8.59 -22.09 -5.42
CA PHE A 156 -8.84 -20.72 -4.99
C PHE A 156 -9.37 -20.64 -3.57
N ILE A 157 -8.68 -19.84 -2.74
CA ILE A 157 -9.12 -19.58 -1.38
C ILE A 157 -9.65 -18.15 -1.28
N PRO A 158 -10.97 -18.01 -1.12
CA PRO A 158 -11.60 -16.69 -1.06
C PRO A 158 -11.32 -15.95 0.25
N ASP A 159 -11.36 -14.63 0.21
CA ASP A 159 -11.16 -13.81 1.39
C ASP A 159 -12.41 -13.83 2.27
N PRO A 160 -12.24 -14.26 3.54
CA PRO A 160 -13.34 -14.25 4.52
C PRO A 160 -13.93 -12.86 4.75
N GLN A 161 -13.13 -11.81 4.62
CA GLN A 161 -13.62 -10.45 4.86
C GLN A 161 -14.47 -9.93 3.69
N GLY A 162 -14.44 -10.64 2.58
CA GLY A 162 -15.31 -10.34 1.46
C GLY A 162 -14.81 -9.30 0.48
N SER A 163 -13.49 -9.08 0.45
CA SER A 163 -12.91 -8.10 -0.46
C SER A 163 -13.17 -8.46 -1.92
N ASN A 164 -13.75 -7.53 -2.66
CA ASN A 164 -14.10 -7.78 -4.06
C ASN A 164 -13.04 -7.26 -5.03
N MET A 165 -13.34 -7.31 -6.32
CA MET A 165 -12.41 -6.88 -7.34
C MET A 165 -12.39 -5.35 -7.45
N MET A 166 -13.42 -4.70 -6.93
CA MET A 166 -13.39 -3.25 -6.81
C MET A 166 -12.29 -2.86 -5.85
N PHE A 167 -12.10 -3.69 -4.82
CA PHE A 167 -11.04 -3.49 -3.85
C PHE A 167 -9.68 -3.82 -4.44
N ALA A 168 -9.57 -5.02 -5.03
CA ALA A 168 -8.31 -5.51 -5.56
C ALA A 168 -7.72 -4.57 -6.60
N PHE A 169 -8.57 -4.04 -7.47
CA PHE A 169 -8.11 -3.15 -8.53
C PHE A 169 -7.85 -1.74 -8.00
N PHE A 170 -8.60 -1.33 -6.98
CA PHE A 170 -8.33 -0.05 -6.33
C PHE A 170 -6.97 -0.10 -5.65
N ALA A 171 -6.70 -1.19 -4.96
CA ALA A 171 -5.43 -1.39 -4.28
C ALA A 171 -4.26 -1.30 -5.26
N GLN A 172 -4.40 -1.93 -6.40
CA GLN A 172 -3.32 -1.95 -7.38
C GLN A 172 -3.20 -0.60 -8.09
N HIS A 173 -4.34 0.05 -8.34
CA HIS A 173 -4.34 1.35 -8.99
C HIS A 173 -3.76 2.43 -8.07
N PHE A 174 -4.19 2.41 -6.82
CA PHE A 174 -3.76 3.40 -5.84
C PHE A 174 -2.27 3.31 -5.51
N THR A 175 -1.80 2.12 -5.18
CA THR A 175 -0.42 1.95 -4.70
C THR A 175 0.59 2.03 -5.83
N HIS A 176 0.13 1.96 -7.08
CA HIS A 176 1.04 2.01 -8.22
C HIS A 176 1.51 3.43 -8.53
N GLN A 177 1.13 4.38 -7.68
CA GLN A 177 1.58 5.75 -7.85
C GLN A 177 2.84 6.01 -7.02
N PHE A 178 3.06 5.19 -6.00
CA PHE A 178 4.30 5.28 -5.22
C PHE A 178 5.07 3.96 -5.16
N PHE A 179 4.56 2.94 -5.85
CA PHE A 179 5.32 1.70 -6.05
C PHE A 179 5.72 1.56 -7.51
N LYS A 180 6.65 2.40 -7.96
CA LYS A 180 7.09 2.38 -9.34
C LYS A 180 8.57 2.02 -9.42
N THR A 181 8.86 0.73 -9.26
CA THR A 181 10.23 0.24 -9.23
C THR A 181 10.97 0.52 -10.54
N ASP A 182 12.14 1.16 -10.41
CA ASP A 182 13.00 1.44 -11.55
C ASP A 182 13.88 0.22 -11.83
N HIS A 183 13.45 -0.64 -12.75
CA HIS A 183 14.13 -1.90 -12.99
C HIS A 183 15.41 -1.74 -13.82
N LYS A 184 15.63 -0.56 -14.38
CA LYS A 184 16.89 -0.27 -15.04
C LYS A 184 18.01 -0.21 -14.02
N ARG A 185 17.70 0.32 -12.85
CA ARG A 185 18.69 0.46 -11.78
C ARG A 185 18.70 -0.75 -10.85
N GLY A 186 17.51 -1.19 -10.46
CA GLY A 186 17.38 -2.32 -9.55
C GLY A 186 16.10 -2.27 -8.73
N PRO A 187 15.83 -3.33 -7.97
CA PRO A 187 14.60 -3.44 -7.16
C PRO A 187 14.57 -2.45 -5.99
N GLY A 188 15.72 -1.89 -5.65
CA GLY A 188 15.81 -0.95 -4.54
C GLY A 188 15.62 0.49 -4.97
N PHE A 189 15.27 0.69 -6.25
CA PHE A 189 15.10 2.04 -6.77
C PHE A 189 13.68 2.29 -7.27
N THR A 190 13.29 3.55 -7.30
CA THR A 190 11.93 3.93 -7.69
C THR A 190 11.92 5.08 -8.69
N ARG A 191 10.83 5.20 -9.45
CA ARG A 191 10.66 6.32 -10.38
C ARG A 191 9.69 7.34 -9.81
N GLY A 192 9.02 6.97 -8.72
CA GLY A 192 8.08 7.87 -8.06
C GLY A 192 8.79 8.77 -7.07
N LEU A 193 9.36 9.86 -7.56
CA LEU A 193 10.15 10.77 -6.74
C LEU A 193 9.30 11.63 -5.81
N GLY A 194 7.98 11.45 -5.87
CA GLY A 194 7.07 12.12 -4.98
C GLY A 194 6.98 11.37 -3.65
N HIS A 195 7.26 10.07 -3.70
CA HIS A 195 7.26 9.21 -2.51
C HIS A 195 5.97 9.32 -1.69
N GLY A 196 4.84 9.35 -2.37
CA GLY A 196 3.56 9.42 -1.69
C GLY A 196 2.39 9.61 -2.63
N VAL A 197 1.30 10.15 -2.10
CA VAL A 197 0.08 10.34 -2.87
C VAL A 197 0.08 11.68 -3.59
N ASP A 198 0.71 11.71 -4.77
CA ASP A 198 0.72 12.92 -5.60
C ASP A 198 -0.15 12.74 -6.84
N LEU A 199 -0.75 11.56 -6.97
CA LEU A 199 -1.60 11.21 -8.10
C LEU A 199 -0.87 11.34 -9.43
N ASN A 200 0.40 10.93 -9.45
CA ASN A 200 1.18 10.97 -10.68
C ASN A 200 0.68 9.93 -11.68
N HIS A 201 -0.05 8.94 -11.18
CA HIS A 201 -0.63 7.90 -12.03
C HIS A 201 -1.84 8.42 -12.80
N ILE A 202 -2.25 9.65 -12.49
CA ILE A 202 -3.33 10.31 -13.21
C ILE A 202 -2.78 11.43 -14.09
N TYR A 203 -1.85 12.20 -13.53
CA TYR A 203 -1.37 13.42 -14.18
C TYR A 203 0.02 13.26 -14.82
N GLY A 204 0.68 12.14 -14.56
CA GLY A 204 2.01 11.92 -15.10
C GLY A 204 3.11 12.31 -14.12
N GLU A 205 4.22 11.57 -14.16
CA GLU A 205 5.35 11.83 -13.27
C GLU A 205 6.05 13.14 -13.61
N THR A 206 6.24 13.41 -14.89
CA THR A 206 6.94 14.61 -15.34
C THR A 206 5.99 15.66 -15.89
N LEU A 207 6.47 16.89 -15.97
CA LEU A 207 5.67 18.01 -16.46
C LEU A 207 5.36 17.87 -17.94
N ASP A 208 6.29 17.29 -18.69
CA ASP A 208 6.12 17.07 -20.12
C ASP A 208 4.93 16.15 -20.39
N ARG A 209 4.85 15.07 -19.61
CA ARG A 209 3.77 14.10 -19.77
C ARG A 209 2.45 14.71 -19.30
N GLN A 210 2.52 15.55 -18.29
CA GLN A 210 1.33 16.22 -17.76
C GLN A 210 0.70 17.12 -18.82
N HIS A 211 1.54 17.86 -19.55
CA HIS A 211 1.07 18.81 -20.54
C HIS A 211 0.51 18.12 -21.77
N LYS A 212 1.04 16.92 -22.08
CA LYS A 212 0.50 16.14 -23.19
C LYS A 212 -0.89 15.61 -22.85
N LEU A 213 -1.14 15.39 -21.57
CA LEU A 213 -2.41 14.84 -21.11
C LEU A 213 -3.49 15.90 -20.89
N ARG A 214 -3.06 17.16 -20.75
CA ARG A 214 -3.99 18.26 -20.45
C ARG A 214 -4.63 18.84 -21.70
N LEU A 215 -5.82 19.42 -21.52
CA LEU A 215 -6.56 20.05 -22.62
C LEU A 215 -6.25 21.54 -22.69
N PHE A 216 -5.76 22.08 -21.57
CA PHE A 216 -5.45 23.51 -21.45
C PHE A 216 -6.68 24.38 -21.68
N LYS A 217 -7.84 23.82 -21.32
CA LYS A 217 -9.08 24.57 -21.26
C LYS A 217 -9.87 24.13 -20.03
N ASP A 218 -10.28 25.11 -19.22
CA ASP A 218 -11.03 24.85 -17.99
C ASP A 218 -10.29 23.94 -17.00
N GLY A 219 -8.97 23.84 -17.15
CA GLY A 219 -8.16 23.03 -16.27
C GLY A 219 -8.36 21.55 -16.44
N LYS A 220 -8.98 21.16 -17.56
CA LYS A 220 -9.38 19.78 -17.76
C LYS A 220 -8.29 18.93 -18.41
N LEU A 221 -8.40 17.61 -18.24
CA LEU A 221 -7.55 16.67 -18.96
C LEU A 221 -8.20 16.30 -20.28
N LYS A 222 -7.40 15.90 -21.25
CA LYS A 222 -7.93 15.48 -22.55
C LYS A 222 -8.83 14.25 -22.39
N TYR A 223 -9.82 14.14 -23.28
CA TYR A 223 -10.77 13.04 -23.21
C TYR A 223 -11.37 12.76 -24.59
N GLN A 224 -12.05 11.61 -24.68
CA GLN A 224 -12.84 11.29 -25.86
C GLN A 224 -14.15 10.65 -25.41
N VAL A 225 -15.18 10.73 -26.23
CA VAL A 225 -16.46 10.13 -25.89
C VAL A 225 -16.79 8.98 -26.82
N ILE A 226 -16.99 7.81 -26.25
CA ILE A 226 -17.35 6.62 -27.00
C ILE A 226 -18.64 6.00 -26.47
N GLY A 227 -19.69 6.02 -27.28
CA GLY A 227 -20.98 5.49 -26.87
C GLY A 227 -21.65 6.34 -25.82
N GLY A 228 -21.36 7.64 -25.84
CA GLY A 228 -21.98 8.57 -24.91
C GLY A 228 -21.21 8.73 -23.61
N GLU A 229 -20.21 7.89 -23.40
CA GLU A 229 -19.44 7.90 -22.16
C GLU A 229 -18.00 8.34 -22.39
N VAL A 230 -17.39 8.92 -21.35
CA VAL A 230 -16.07 9.52 -21.46
C VAL A 230 -14.94 8.52 -21.19
N TYR A 231 -13.90 8.54 -22.03
CA TYR A 231 -12.74 7.69 -21.87
C TYR A 231 -11.46 8.49 -22.08
N PRO A 232 -10.31 7.97 -21.59
CA PRO A 232 -9.03 8.64 -21.80
C PRO A 232 -8.71 8.84 -23.28
N PRO A 233 -7.89 9.86 -23.60
CA PRO A 233 -7.49 10.11 -24.98
C PRO A 233 -6.57 9.02 -25.50
N THR A 234 -6.31 9.04 -26.81
CA THR A 234 -5.47 8.03 -27.43
C THR A 234 -3.99 8.43 -27.41
N VAL A 235 -3.12 7.45 -27.64
CA VAL A 235 -1.69 7.71 -27.77
C VAL A 235 -1.44 8.61 -28.98
N LYS A 236 -2.22 8.41 -30.03
CA LYS A 236 -2.10 9.20 -31.25
C LYS A 236 -2.35 10.69 -31.03
N ASP A 237 -3.39 11.00 -30.26
CA ASP A 237 -3.81 12.38 -30.10
C ASP A 237 -3.01 13.13 -29.03
N THR A 238 -2.23 12.39 -28.24
CA THR A 238 -1.51 12.99 -27.12
C THR A 238 0.00 12.80 -27.19
N GLN A 239 0.44 11.76 -27.89
CA GLN A 239 1.86 11.41 -28.02
C GLN A 239 2.53 11.01 -26.71
N VAL A 240 1.76 10.58 -25.73
CA VAL A 240 2.37 10.09 -24.49
C VAL A 240 2.73 8.61 -24.65
N GLU A 241 3.76 8.18 -23.94
CA GLU A 241 4.22 6.80 -24.03
C GLU A 241 3.39 5.87 -23.17
N MET A 242 2.76 4.90 -23.80
CA MET A 242 2.05 3.84 -23.09
C MET A 242 2.63 2.48 -23.48
N ILE A 243 2.49 1.50 -22.61
CA ILE A 243 2.99 0.16 -22.90
C ILE A 243 1.87 -0.73 -23.45
N TYR A 244 1.82 -0.85 -24.76
CA TYR A 244 0.85 -1.72 -25.43
C TYR A 244 1.57 -2.67 -26.38
N PRO A 245 1.10 -3.93 -26.45
CA PRO A 245 1.60 -4.86 -27.47
C PRO A 245 1.29 -4.32 -28.86
N PRO A 246 2.14 -4.63 -29.85
CA PRO A 246 2.07 -4.04 -31.19
C PRO A 246 0.75 -4.28 -31.94
N HIS A 247 -0.05 -5.23 -31.49
CA HIS A 247 -1.27 -5.60 -32.23
C HIS A 247 -2.52 -4.85 -31.77
N ILE A 248 -2.35 -3.93 -30.83
CA ILE A 248 -3.49 -3.16 -30.30
C ILE A 248 -3.87 -2.04 -31.25
N PRO A 249 -5.17 -1.94 -31.60
CA PRO A 249 -5.72 -0.88 -32.46
C PRO A 249 -5.39 0.53 -31.95
N GLU A 250 -5.40 1.50 -32.85
CA GLU A 250 -5.10 2.88 -32.52
C GLU A 250 -6.11 3.48 -31.54
N ASN A 251 -7.39 3.19 -31.77
CA ASN A 251 -8.46 3.73 -30.95
C ASN A 251 -8.43 3.20 -29.52
N LEU A 252 -7.82 2.04 -29.33
CA LEU A 252 -7.80 1.37 -28.03
C LEU A 252 -6.53 1.61 -27.23
N GLN A 253 -5.61 2.39 -27.79
CA GLN A 253 -4.41 2.76 -27.06
C GLN A 253 -4.67 3.96 -26.17
N PHE A 254 -5.30 3.70 -25.03
CA PHE A 254 -5.64 4.75 -24.07
C PHE A 254 -4.41 5.34 -23.40
N ALA A 255 -4.39 6.67 -23.30
CA ALA A 255 -3.27 7.38 -22.69
C ALA A 255 -3.64 7.95 -21.32
N VAL A 256 -3.04 7.41 -20.27
CA VAL A 256 -3.29 7.89 -18.91
C VAL A 256 -1.97 8.25 -18.22
N GLY A 257 -2.06 8.70 -16.98
CA GLY A 257 -0.90 9.10 -16.20
C GLY A 257 0.16 8.02 -16.12
N GLN A 258 -0.20 6.87 -15.55
CA GLN A 258 0.72 5.75 -15.45
C GLN A 258 0.74 4.96 -16.75
N GLU A 259 1.93 4.60 -17.21
CA GLU A 259 2.11 4.00 -18.53
C GLU A 259 1.76 2.51 -18.59
N VAL A 260 1.66 1.86 -17.43
CA VAL A 260 1.37 0.43 -17.39
C VAL A 260 -0.10 0.13 -17.12
N PHE A 261 -0.93 1.17 -17.11
CA PHE A 261 -2.34 0.99 -16.75
C PHE A 261 -3.16 0.44 -17.92
N GLY A 262 -2.51 0.23 -19.06
CA GLY A 262 -3.16 -0.42 -20.19
C GLY A 262 -3.10 -1.92 -20.07
N LEU A 263 -2.27 -2.38 -19.15
CA LEU A 263 -2.06 -3.80 -18.88
C LEU A 263 -3.37 -4.51 -18.53
N VAL A 264 -4.11 -3.93 -17.60
CA VAL A 264 -5.36 -4.54 -17.11
C VAL A 264 -6.54 -3.60 -17.33
N PRO A 265 -7.65 -4.15 -17.84
CA PRO A 265 -8.91 -3.38 -17.97
C PRO A 265 -9.42 -2.90 -16.62
N GLY A 266 -9.09 -3.63 -15.56
CA GLY A 266 -9.47 -3.24 -14.21
C GLY A 266 -8.81 -1.95 -13.79
N LEU A 267 -7.55 -1.77 -14.20
CA LEU A 267 -6.81 -0.56 -13.89
C LEU A 267 -7.31 0.62 -14.72
N MET A 268 -7.61 0.36 -15.98
CA MET A 268 -8.09 1.39 -16.89
C MET A 268 -9.48 1.87 -16.46
N MET A 269 -10.21 1.01 -15.74
CA MET A 269 -11.51 1.39 -15.19
C MET A 269 -11.35 2.54 -14.21
N TYR A 270 -10.44 2.39 -13.26
CA TYR A 270 -10.20 3.41 -12.25
C TYR A 270 -9.53 4.64 -12.86
N ALA A 271 -8.68 4.40 -13.86
CA ALA A 271 -8.05 5.50 -14.59
C ALA A 271 -9.11 6.37 -15.26
N THR A 272 -10.18 5.74 -15.74
CA THR A 272 -11.27 6.44 -16.40
C THR A 272 -12.14 7.19 -15.39
N ILE A 273 -12.45 6.54 -14.28
CA ILE A 273 -13.28 7.14 -13.23
C ILE A 273 -12.64 8.41 -12.67
N TRP A 274 -11.35 8.35 -12.38
CA TRP A 274 -10.63 9.51 -11.83
C TRP A 274 -10.48 10.62 -12.88
N LEU A 275 -10.35 10.24 -14.14
CA LEU A 275 -10.29 11.20 -15.23
C LEU A 275 -11.58 12.01 -15.30
N ARG A 276 -12.71 11.30 -15.21
CA ARG A 276 -14.02 11.95 -15.19
C ARG A 276 -14.17 12.82 -13.96
N GLU A 277 -13.65 12.34 -12.84
CA GLU A 277 -13.75 13.05 -11.57
C GLU A 277 -12.98 14.37 -11.59
N HIS A 278 -11.81 14.35 -12.23
CA HIS A 278 -11.01 15.57 -12.35
C HIS A 278 -11.76 16.63 -13.14
N ASN A 279 -12.25 16.25 -14.31
CA ASN A 279 -13.01 17.17 -15.16
C ASN A 279 -14.31 17.60 -14.49
N ARG A 280 -14.87 16.71 -13.66
CA ARG A 280 -16.09 17.03 -12.92
C ARG A 280 -15.84 18.15 -11.93
N VAL A 281 -14.72 18.06 -11.22
CA VAL A 281 -14.33 19.07 -10.23
C VAL A 281 -13.99 20.39 -10.93
N CYS A 282 -13.40 20.29 -12.11
CA CYS A 282 -13.05 21.46 -12.91
C CYS A 282 -14.26 22.35 -13.19
N ASP A 283 -15.34 21.72 -13.64
CA ASP A 283 -16.57 22.46 -13.94
C ASP A 283 -17.19 23.07 -12.69
N ILE A 284 -17.13 22.34 -11.58
CA ILE A 284 -17.64 22.84 -10.30
C ILE A 284 -16.85 24.06 -9.86
N LEU A 285 -15.54 24.02 -10.04
CA LEU A 285 -14.67 25.14 -9.69
C LEU A 285 -14.89 26.32 -10.63
N LYS A 286 -15.06 26.05 -11.91
CA LYS A 286 -15.32 27.10 -12.90
C LYS A 286 -16.63 27.81 -12.60
N GLN A 287 -17.59 27.05 -12.08
CA GLN A 287 -18.87 27.59 -11.63
C GLN A 287 -18.65 28.61 -10.51
N GLU A 288 -17.82 28.26 -9.55
CA GLU A 288 -17.52 29.13 -8.42
C GLU A 288 -16.60 30.27 -8.80
N HIS A 289 -15.67 30.01 -9.72
CA HIS A 289 -14.69 31.00 -10.12
C HIS A 289 -14.66 31.19 -11.63
N PRO A 290 -15.58 32.01 -12.16
CA PRO A 290 -15.56 32.32 -13.59
C PRO A 290 -14.36 33.18 -13.98
N GLU A 291 -13.66 33.70 -12.99
CA GLU A 291 -12.52 34.59 -13.23
C GLU A 291 -11.19 33.81 -13.29
N TRP A 292 -11.23 32.53 -12.93
CA TRP A 292 -10.03 31.71 -12.93
C TRP A 292 -9.63 31.27 -14.33
N GLY A 293 -8.33 31.09 -14.53
CA GLY A 293 -7.81 30.58 -15.78
C GLY A 293 -7.62 29.07 -15.73
N ASP A 294 -7.16 28.51 -16.85
CA ASP A 294 -6.95 27.07 -16.98
C ASP A 294 -5.99 26.51 -15.94
N GLU A 295 -4.89 27.21 -15.71
CA GLU A 295 -3.84 26.69 -14.82
C GLU A 295 -4.34 26.52 -13.39
N GLN A 296 -4.95 27.55 -12.82
CA GLN A 296 -5.41 27.49 -11.44
C GLN A 296 -6.55 26.47 -11.30
N LEU A 297 -7.34 26.30 -12.35
CA LEU A 297 -8.42 25.32 -12.35
C LEU A 297 -7.85 23.91 -12.29
N PHE A 298 -6.80 23.66 -13.06
CA PHE A 298 -6.16 22.35 -13.07
C PHE A 298 -5.50 22.04 -11.73
N GLN A 299 -4.71 22.99 -11.23
CA GLN A 299 -3.95 22.79 -10.00
C GLN A 299 -4.85 22.58 -8.80
N THR A 300 -5.88 23.41 -8.66
CA THR A 300 -6.81 23.31 -7.55
C THR A 300 -7.57 21.98 -7.58
N SER A 301 -7.91 21.53 -8.78
CA SER A 301 -8.60 20.26 -8.95
C SER A 301 -7.70 19.10 -8.55
N ARG A 302 -6.42 19.22 -8.85
CA ARG A 302 -5.45 18.18 -8.49
C ARG A 302 -5.34 18.07 -6.97
N LEU A 303 -5.35 19.21 -6.29
CA LEU A 303 -5.27 19.23 -4.82
C LEU A 303 -6.51 18.58 -4.22
N ILE A 304 -7.67 18.83 -4.83
CA ILE A 304 -8.92 18.29 -4.34
C ILE A 304 -8.98 16.78 -4.52
N LEU A 305 -8.52 16.30 -5.67
CA LEU A 305 -8.50 14.87 -5.94
C LEU A 305 -7.50 14.14 -5.05
N ILE A 306 -6.45 14.85 -4.63
CA ILE A 306 -5.50 14.29 -3.67
C ILE A 306 -6.20 14.11 -2.33
N GLY A 307 -6.95 15.13 -1.93
CA GLY A 307 -7.74 15.07 -0.70
C GLY A 307 -8.78 13.98 -0.76
N GLU A 308 -9.49 13.88 -1.88
CA GLU A 308 -10.50 12.83 -2.07
C GLU A 308 -9.88 11.44 -1.92
N THR A 309 -8.71 11.26 -2.50
CA THR A 309 -8.03 9.97 -2.49
C THR A 309 -7.70 9.53 -1.06
N ILE A 310 -7.07 10.43 -0.30
CA ILE A 310 -6.70 10.11 1.07
C ILE A 310 -7.95 9.87 1.92
N LYS A 311 -8.98 10.66 1.68
CA LYS A 311 -10.27 10.50 2.35
C LYS A 311 -10.85 9.11 2.11
N ILE A 312 -10.85 8.69 0.85
CA ILE A 312 -11.39 7.40 0.44
C ILE A 312 -10.54 6.24 0.97
N VAL A 313 -9.23 6.37 0.85
CA VAL A 313 -8.32 5.31 1.29
C VAL A 313 -8.44 5.04 2.80
N ILE A 314 -8.64 6.09 3.58
CA ILE A 314 -8.75 5.93 5.02
C ILE A 314 -10.14 5.45 5.46
N GLU A 315 -11.18 6.12 4.99
CA GLU A 315 -12.54 5.86 5.51
C GLU A 315 -13.31 4.76 4.77
N ASP A 316 -12.75 4.26 3.68
CA ASP A 316 -13.39 3.18 2.94
C ASP A 316 -12.45 2.00 2.73
N TYR A 317 -11.31 2.25 2.10
CA TYR A 317 -10.32 1.23 1.79
C TYR A 317 -9.72 0.60 3.04
N VAL A 318 -9.06 1.40 3.86
CA VAL A 318 -8.45 0.92 5.09
C VAL A 318 -9.53 0.49 6.10
N GLN A 319 -10.63 1.21 6.12
CA GLN A 319 -11.75 0.87 7.00
C GLN A 319 -12.23 -0.56 6.78
N HIS A 320 -12.45 -0.92 5.51
CA HIS A 320 -12.83 -2.29 5.18
C HIS A 320 -11.73 -3.29 5.49
N LEU A 321 -10.51 -2.95 5.10
CA LEU A 321 -9.37 -3.84 5.25
C LEU A 321 -9.07 -4.12 6.73
N SER A 322 -9.27 -3.12 7.57
CA SER A 322 -9.00 -3.25 9.00
C SER A 322 -9.99 -4.18 9.68
N GLY A 323 -11.25 -4.11 9.25
CA GLY A 323 -12.30 -4.92 9.84
C GLY A 323 -12.73 -4.37 11.19
N TYR A 324 -12.30 -3.16 11.51
CA TYR A 324 -12.63 -2.54 12.78
C TYR A 324 -14.07 -2.05 12.78
N HIS A 325 -14.70 -2.08 13.96
CA HIS A 325 -16.04 -1.52 14.11
C HIS A 325 -15.93 -0.04 14.42
N PHE A 326 -14.75 0.37 14.86
CA PHE A 326 -14.45 1.78 15.06
C PHE A 326 -14.43 2.50 13.72
N LYS A 327 -15.17 3.60 13.62
CA LYS A 327 -15.27 4.35 12.39
C LYS A 327 -14.08 5.29 12.21
N LEU A 328 -13.15 4.90 11.34
CA LEU A 328 -11.94 5.69 11.10
C LEU A 328 -12.28 7.06 10.54
N LYS A 329 -11.34 7.99 10.64
CA LYS A 329 -11.60 9.38 10.30
C LYS A 329 -10.41 10.04 9.62
N PHE A 330 -10.65 10.65 8.47
CA PHE A 330 -9.64 11.49 7.84
C PHE A 330 -9.82 12.93 8.31
N ASP A 331 -9.01 13.32 9.29
CA ASP A 331 -9.07 14.66 9.83
C ASP A 331 -7.67 15.15 10.17
N PRO A 332 -7.05 15.92 9.27
CA PRO A 332 -5.70 16.48 9.46
C PRO A 332 -5.59 17.33 10.72
N GLU A 333 -6.71 17.85 11.19
CA GLU A 333 -6.75 18.69 12.38
C GLU A 333 -6.31 17.94 13.63
N LEU A 334 -6.47 16.61 13.61
CA LEU A 334 -6.12 15.77 14.74
C LEU A 334 -4.64 15.80 15.10
N LEU A 335 -3.79 16.17 14.13
CA LEU A 335 -2.36 16.15 14.32
C LEU A 335 -1.77 17.56 14.50
N PHE A 336 -2.63 18.56 14.60
CA PHE A 336 -2.16 19.95 14.67
C PHE A 336 -1.53 20.28 16.01
N ASN A 337 -1.93 19.59 17.07
CA ASN A 337 -1.33 19.81 18.39
C ASN A 337 -0.39 18.66 18.77
N GLN A 338 0.00 17.88 17.76
CA GLN A 338 0.90 16.75 17.98
C GLN A 338 2.20 16.95 17.22
N GLN A 339 3.23 16.17 17.59
CA GLN A 339 4.49 16.19 16.87
C GLN A 339 4.41 15.23 15.69
N PHE A 340 4.55 15.78 14.48
CA PHE A 340 4.38 15.00 13.26
C PHE A 340 5.12 15.64 12.09
N GLN A 341 5.83 14.83 11.32
CA GLN A 341 6.59 15.34 10.18
C GLN A 341 5.78 15.18 8.89
N TYR A 342 5.41 16.30 8.28
CA TYR A 342 4.65 16.25 7.03
C TYR A 342 5.58 15.99 5.85
N GLN A 343 6.16 14.79 5.86
CA GLN A 343 7.01 14.32 4.79
C GLN A 343 6.99 12.79 4.83
N ASN A 344 7.34 12.14 3.73
CA ASN A 344 7.37 10.68 3.72
C ASN A 344 8.24 10.11 2.61
N ARG A 345 8.93 9.03 2.92
CA ARG A 345 9.79 8.32 1.99
C ARG A 345 9.31 6.88 1.89
N ILE A 346 9.03 6.41 0.67
CA ILE A 346 8.50 5.06 0.49
C ILE A 346 9.52 3.99 0.82
N ALA A 347 9.17 3.12 1.76
CA ALA A 347 10.07 2.05 2.19
C ALA A 347 10.00 0.86 1.24
N SER A 348 11.15 0.24 1.00
CA SER A 348 11.21 -0.94 0.16
C SER A 348 10.37 -2.08 0.74
N GLU A 349 10.36 -2.18 2.06
CA GLU A 349 9.60 -3.22 2.75
C GLU A 349 8.10 -3.01 2.60
N PHE A 350 7.67 -1.76 2.45
CA PHE A 350 6.27 -1.45 2.20
C PHE A 350 5.88 -2.00 0.83
N ASN A 351 6.76 -1.79 -0.14
CA ASN A 351 6.57 -2.30 -1.49
C ASN A 351 6.47 -3.82 -1.50
N THR A 352 7.35 -4.46 -0.74
CA THR A 352 7.40 -5.92 -0.70
C THR A 352 6.15 -6.54 -0.08
N LEU A 353 5.72 -6.01 1.06
CA LEU A 353 4.58 -6.57 1.77
C LEU A 353 3.27 -6.34 1.01
N TYR A 354 3.28 -5.38 0.10
CA TYR A 354 2.06 -5.04 -0.65
C TYR A 354 1.93 -5.89 -1.91
N HIS A 355 2.84 -6.85 -2.08
CA HIS A 355 2.75 -7.78 -3.21
C HIS A 355 1.68 -8.84 -2.92
N TRP A 356 0.43 -8.40 -2.87
CA TRP A 356 -0.70 -9.26 -2.55
C TRP A 356 -1.16 -10.06 -3.77
N HIS A 357 -0.28 -10.93 -4.27
CA HIS A 357 -0.60 -11.77 -5.40
C HIS A 357 -1.79 -12.73 -5.18
N PRO A 358 -1.95 -13.29 -3.96
CA PRO A 358 -3.13 -14.15 -3.77
C PRO A 358 -4.48 -13.46 -3.97
N LEU A 359 -4.52 -12.14 -4.02
CA LEU A 359 -5.77 -11.40 -4.26
C LEU A 359 -6.42 -11.81 -5.57
N LEU A 360 -5.61 -12.03 -6.60
CA LEU A 360 -6.11 -12.33 -7.93
C LEU A 360 -6.90 -13.63 -7.98
N PRO A 361 -8.03 -13.63 -8.71
CA PRO A 361 -8.86 -14.81 -8.90
C PRO A 361 -8.33 -15.70 -10.02
N ASP A 362 -9.03 -16.81 -10.30
CA ASP A 362 -8.63 -17.69 -11.40
C ASP A 362 -9.06 -17.08 -12.73
N THR A 363 -10.26 -16.52 -12.74
CA THR A 363 -10.78 -15.84 -13.93
C THR A 363 -11.42 -14.52 -13.54
N PHE A 364 -11.59 -13.64 -14.51
CA PHE A 364 -12.25 -12.36 -14.28
C PHE A 364 -13.65 -12.41 -14.87
N ASN A 365 -14.65 -12.31 -14.00
CA ASN A 365 -16.03 -12.53 -14.39
C ASN A 365 -16.81 -11.24 -14.61
N ILE A 366 -17.19 -11.00 -15.86
CA ILE A 366 -17.98 -9.83 -16.22
C ILE A 366 -19.21 -10.28 -17.02
N GLU A 367 -20.38 -9.86 -16.56
CA GLU A 367 -21.66 -10.40 -17.05
C GLU A 367 -21.66 -11.92 -16.91
N ASP A 368 -21.71 -12.62 -18.04
CA ASP A 368 -21.67 -14.07 -18.04
C ASP A 368 -20.41 -14.59 -18.72
N GLN A 369 -19.41 -13.72 -18.83
CA GLN A 369 -18.12 -14.08 -19.40
C GLN A 369 -17.13 -14.42 -18.29
N GLU A 370 -16.33 -15.45 -18.51
CA GLU A 370 -15.27 -15.80 -17.57
C GLU A 370 -13.91 -15.64 -18.25
N TYR A 371 -13.44 -14.38 -18.31
CA TYR A 371 -12.17 -14.07 -18.95
C TYR A 371 -11.00 -14.66 -18.17
N SER A 372 -10.05 -15.26 -18.88
CA SER A 372 -8.82 -15.75 -18.26
C SER A 372 -7.78 -14.65 -18.24
N PHE A 373 -6.64 -14.93 -17.61
CA PHE A 373 -5.52 -13.98 -17.57
C PHE A 373 -5.04 -13.64 -18.98
N LYS A 374 -5.02 -14.66 -19.85
CA LYS A 374 -4.60 -14.49 -21.22
C LYS A 374 -5.53 -13.53 -21.97
N GLN A 375 -6.83 -13.70 -21.76
CA GLN A 375 -7.83 -12.89 -22.44
C GLN A 375 -7.94 -11.48 -21.86
N PHE A 376 -7.68 -11.36 -20.56
CA PHE A 376 -7.90 -10.10 -19.86
C PHE A 376 -6.77 -9.10 -20.09
N LEU A 377 -5.53 -9.59 -20.12
CA LEU A 377 -4.36 -8.73 -20.26
C LEU A 377 -4.38 -7.88 -21.53
N TYR A 378 -4.21 -6.57 -21.35
CA TYR A 378 -4.10 -5.59 -22.43
C TYR A 378 -5.34 -5.49 -23.32
N ASN A 379 -6.46 -6.05 -22.88
CA ASN A 379 -7.67 -6.02 -23.68
C ASN A 379 -8.64 -4.91 -23.24
N ASN A 380 -8.40 -3.71 -23.74
CA ASN A 380 -9.26 -2.56 -23.42
C ASN A 380 -10.61 -2.63 -24.15
N SER A 381 -10.71 -3.51 -25.14
CA SER A 381 -11.96 -3.68 -25.87
C SER A 381 -13.01 -4.34 -24.99
N ILE A 382 -12.54 -5.08 -23.99
CA ILE A 382 -13.42 -5.66 -22.97
C ILE A 382 -14.12 -4.53 -22.21
N LEU A 383 -13.38 -3.46 -21.96
CA LEU A 383 -13.90 -2.31 -21.23
C LEU A 383 -14.97 -1.58 -22.02
N LEU A 384 -14.76 -1.44 -23.34
CA LEU A 384 -15.70 -0.73 -24.20
C LEU A 384 -16.94 -1.56 -24.51
N GLU A 385 -16.78 -2.88 -24.58
CA GLU A 385 -17.90 -3.76 -24.87
C GLU A 385 -18.92 -3.75 -23.74
N HIS A 386 -18.43 -3.86 -22.51
CA HIS A 386 -19.31 -3.94 -21.35
C HIS A 386 -19.65 -2.57 -20.76
N GLY A 387 -18.66 -1.68 -20.72
CA GLY A 387 -18.83 -0.37 -20.12
C GLY A 387 -18.50 -0.38 -18.63
N LEU A 388 -18.31 0.78 -18.05
CA LEU A 388 -17.93 0.89 -16.64
C LEU A 388 -19.05 0.43 -15.70
N THR A 389 -20.29 0.76 -16.05
CA THR A 389 -21.43 0.36 -15.22
C THR A 389 -21.47 -1.15 -15.05
N GLN A 390 -21.25 -1.87 -16.14
CA GLN A 390 -21.22 -3.33 -16.11
C GLN A 390 -20.03 -3.83 -15.30
N PHE A 391 -18.90 -3.15 -15.44
CA PHE A 391 -17.70 -3.50 -14.70
C PHE A 391 -17.92 -3.39 -13.19
N VAL A 392 -18.54 -2.29 -12.77
CA VAL A 392 -18.79 -2.05 -11.35
C VAL A 392 -19.76 -3.07 -10.77
N GLU A 393 -20.83 -3.38 -11.51
CA GLU A 393 -21.81 -4.36 -11.07
C GLU A 393 -21.17 -5.73 -10.87
N SER A 394 -20.33 -6.13 -11.82
CA SER A 394 -19.71 -7.46 -11.80
C SER A 394 -18.61 -7.55 -10.75
N PHE A 395 -17.74 -6.54 -10.70
CA PHE A 395 -16.59 -6.58 -9.81
C PHE A 395 -16.97 -6.39 -8.34
N THR A 396 -18.11 -5.76 -8.09
CA THR A 396 -18.59 -5.58 -6.72
C THR A 396 -18.97 -6.93 -6.11
N ARG A 397 -19.31 -7.88 -6.96
CA ARG A 397 -19.80 -9.18 -6.49
C ARG A 397 -18.80 -10.34 -6.68
N GLN A 398 -17.67 -10.07 -7.32
CA GLN A 398 -16.64 -11.10 -7.45
C GLN A 398 -15.62 -11.00 -6.32
N ILE A 399 -15.47 -12.07 -5.56
CA ILE A 399 -14.62 -12.08 -4.38
C ILE A 399 -13.15 -12.30 -4.74
N ALA A 400 -12.27 -11.69 -3.94
CA ALA A 400 -10.82 -11.83 -4.15
C ALA A 400 -10.26 -12.90 -3.22
N GLY A 401 -8.97 -13.22 -3.42
CA GLY A 401 -8.34 -14.28 -2.68
C GLY A 401 -7.78 -13.89 -1.34
N ARG A 402 -7.62 -14.86 -0.45
CA ARG A 402 -7.04 -14.62 0.87
C ARG A 402 -5.53 -14.48 0.75
N VAL A 403 -5.00 -13.37 1.26
CA VAL A 403 -3.57 -13.07 1.14
C VAL A 403 -2.74 -13.96 2.06
N ALA A 404 -3.09 -13.98 3.35
CA ALA A 404 -2.42 -14.87 4.30
C ALA A 404 -3.02 -16.27 4.21
N GLY A 405 -2.45 -17.21 4.97
CA GLY A 405 -2.96 -18.57 4.99
C GLY A 405 -2.19 -19.54 4.13
N GLY A 406 -1.52 -19.03 3.11
CA GLY A 406 -0.67 -19.85 2.27
C GLY A 406 -1.37 -20.55 1.12
N ARG A 407 -0.57 -20.99 0.16
CA ARG A 407 -1.04 -21.77 -0.98
C ARG A 407 -2.21 -21.14 -1.74
N ASN A 408 -2.08 -19.86 -2.08
CA ASN A 408 -3.15 -19.16 -2.77
C ASN A 408 -2.64 -18.21 -3.84
N VAL A 409 -1.36 -18.33 -4.21
CA VAL A 409 -0.82 -17.54 -5.30
C VAL A 409 -1.17 -18.20 -6.63
N PRO A 410 -1.95 -17.49 -7.47
CA PRO A 410 -2.34 -18.01 -8.78
C PRO A 410 -1.13 -18.36 -9.63
N ILE A 411 -1.20 -19.48 -10.35
CA ILE A 411 -0.06 -20.01 -11.08
C ILE A 411 0.28 -19.14 -12.29
N ALA A 412 -0.64 -18.28 -12.68
CA ALA A 412 -0.44 -17.39 -13.81
C ALA A 412 0.59 -16.31 -13.50
N VAL A 413 0.83 -16.06 -12.21
CA VAL A 413 1.78 -15.04 -11.80
C VAL A 413 2.88 -15.60 -10.88
N GLN A 414 3.21 -16.87 -11.05
CA GLN A 414 4.22 -17.52 -10.21
C GLN A 414 5.61 -16.91 -10.43
N ALA A 415 5.85 -16.38 -11.61
CA ALA A 415 7.13 -15.74 -11.93
C ALA A 415 7.29 -14.45 -11.16
N VAL A 416 6.20 -13.67 -11.07
CA VAL A 416 6.22 -12.42 -10.32
C VAL A 416 6.41 -12.67 -8.83
N ALA A 417 5.76 -13.72 -8.33
CA ALA A 417 5.87 -14.09 -6.93
C ALA A 417 7.28 -14.56 -6.58
N LYS A 418 7.88 -15.31 -7.50
CA LYS A 418 9.25 -15.78 -7.30
C LYS A 418 10.23 -14.61 -7.32
N ALA A 419 9.95 -13.65 -8.19
CA ALA A 419 10.77 -12.44 -8.30
C ALA A 419 10.75 -11.66 -6.99
N SER A 420 9.60 -11.65 -6.33
CA SER A 420 9.45 -10.97 -5.04
C SER A 420 10.33 -11.61 -3.97
N ILE A 421 10.55 -12.92 -4.09
CA ILE A 421 11.41 -13.63 -3.16
C ILE A 421 12.88 -13.37 -3.49
N ASP A 422 13.23 -13.50 -4.76
CA ASP A 422 14.60 -13.31 -5.21
C ASP A 422 15.10 -11.88 -4.97
N GLN A 423 14.30 -10.91 -5.38
CA GLN A 423 14.66 -9.50 -5.20
C GLN A 423 14.74 -9.14 -3.72
N SER A 424 13.94 -9.81 -2.91
CA SER A 424 13.97 -9.62 -1.47
C SER A 424 15.34 -10.02 -0.93
N ARG A 425 15.88 -11.11 -1.48
CA ARG A 425 17.19 -11.62 -1.09
C ARG A 425 18.29 -10.77 -1.69
N GLU A 426 18.07 -10.30 -2.91
CA GLU A 426 19.05 -9.46 -3.60
C GLU A 426 19.27 -8.15 -2.86
N MET A 427 18.20 -7.62 -2.27
CA MET A 427 18.27 -6.37 -1.51
C MET A 427 18.71 -6.63 -0.06
N LYS A 428 19.13 -7.87 0.19
CA LYS A 428 19.66 -8.28 1.50
C LYS A 428 18.72 -7.94 2.67
N TYR A 429 17.45 -8.32 2.54
CA TYR A 429 16.50 -8.15 3.64
C TYR A 429 16.90 -8.98 4.84
N GLN A 430 16.70 -8.43 6.03
CA GLN A 430 16.87 -9.20 7.26
C GLN A 430 15.71 -10.18 7.41
N SER A 431 15.82 -11.08 8.39
CA SER A 431 14.83 -12.15 8.56
C SER A 431 13.47 -11.63 8.99
N LEU A 432 12.49 -12.52 9.01
CA LEU A 432 11.13 -12.19 9.45
C LEU A 432 11.11 -11.74 10.90
N ASN A 433 11.77 -12.50 11.77
CA ASN A 433 11.76 -12.22 13.20
C ASN A 433 12.46 -10.90 13.54
N GLU A 434 13.39 -10.48 12.70
CA GLU A 434 14.05 -9.20 12.88
C GLU A 434 13.08 -8.06 12.57
N TYR A 435 12.25 -8.25 11.55
CA TYR A 435 11.24 -7.25 11.21
C TYR A 435 10.09 -7.23 12.20
N ARG A 436 9.79 -8.40 12.78
CA ARG A 436 8.75 -8.47 13.79
C ARG A 436 9.18 -7.69 15.03
N LYS A 437 10.43 -7.87 15.45
CA LYS A 437 10.97 -7.14 16.59
C LYS A 437 11.04 -5.65 16.30
N ARG A 438 11.37 -5.31 15.06
CA ARG A 438 11.43 -3.92 14.63
C ARG A 438 10.09 -3.21 14.82
N PHE A 439 9.01 -3.94 14.63
CA PHE A 439 7.68 -3.37 14.77
C PHE A 439 6.97 -3.88 16.03
N SER A 440 7.76 -4.11 17.08
CA SER A 440 7.26 -4.42 18.42
C SER A 440 6.44 -5.71 18.51
N LEU A 441 6.89 -6.75 17.82
CA LEU A 441 6.23 -8.05 17.89
C LEU A 441 7.17 -9.10 18.48
N LYS A 442 6.60 -10.07 19.18
CA LYS A 442 7.39 -11.20 19.66
C LYS A 442 7.79 -12.08 18.49
N PRO A 443 9.07 -12.47 18.43
CA PRO A 443 9.53 -13.37 17.37
C PRO A 443 8.82 -14.72 17.42
N TYR A 444 8.69 -15.37 16.27
CA TYR A 444 8.12 -16.71 16.23
C TYR A 444 9.15 -17.74 16.68
N THR A 445 8.75 -18.60 17.61
CA THR A 445 9.66 -19.59 18.19
C THR A 445 9.71 -20.87 17.37
N SER A 446 8.80 -21.00 16.41
CA SER A 446 8.73 -22.18 15.56
C SER A 446 7.91 -21.90 14.30
N PHE A 447 8.06 -22.76 13.29
CA PHE A 447 7.32 -22.61 12.05
C PHE A 447 5.84 -22.91 12.24
N GLU A 448 5.52 -23.71 13.26
CA GLU A 448 4.13 -24.06 13.54
C GLU A 448 3.39 -22.88 14.17
N GLU A 449 4.10 -22.08 14.97
CA GLU A 449 3.51 -20.89 15.55
C GLU A 449 3.24 -19.85 14.46
N LEU A 450 4.04 -19.90 13.41
CA LEU A 450 3.90 -18.99 12.28
C LEU A 450 2.67 -19.31 11.42
N THR A 451 2.55 -20.57 11.00
CA THR A 451 1.49 -20.98 10.09
C THR A 451 0.20 -21.37 10.81
N GLY A 452 0.31 -21.76 12.08
CA GLY A 452 -0.85 -22.17 12.84
C GLY A 452 -1.31 -23.57 12.49
N GLU A 453 -0.56 -24.23 11.63
CA GLU A 453 -0.86 -25.60 11.22
C GLU A 453 0.41 -26.45 11.21
N LYS A 454 0.33 -27.64 10.63
CA LYS A 454 1.43 -28.59 10.70
C LYS A 454 2.08 -28.89 9.35
N GLU A 455 1.25 -29.03 8.31
CA GLU A 455 1.73 -29.48 7.01
C GLU A 455 2.70 -28.50 6.34
N MET A 456 2.30 -27.24 6.25
CA MET A 456 3.16 -26.21 5.65
C MET A 456 4.35 -25.89 6.54
N ALA A 457 4.14 -25.93 7.85
CA ALA A 457 5.20 -25.65 8.81
C ALA A 457 6.34 -26.65 8.67
N ALA A 458 5.98 -27.91 8.44
CA ALA A 458 6.96 -28.98 8.28
C ALA A 458 7.78 -28.81 6.99
N GLU A 459 7.10 -28.37 5.94
CA GLU A 459 7.76 -28.13 4.66
C GLU A 459 8.78 -27.00 4.77
N LEU A 460 8.43 -25.98 5.55
CA LEU A 460 9.29 -24.81 5.75
C LEU A 460 10.49 -25.14 6.62
N LYS A 461 10.29 -25.97 7.64
CA LYS A 461 11.37 -26.36 8.53
C LYS A 461 12.42 -27.20 7.81
N ALA A 462 11.97 -27.95 6.81
CA ALA A 462 12.88 -28.75 6.00
C ALA A 462 13.71 -27.87 5.08
N LEU A 463 13.18 -26.70 4.74
CA LEU A 463 13.84 -25.78 3.82
C LEU A 463 14.72 -24.75 4.54
N TYR A 464 14.28 -24.31 5.71
CA TYR A 464 14.95 -23.22 6.42
C TYR A 464 15.70 -23.65 7.68
N SER A 465 15.28 -24.78 8.25
CA SER A 465 15.87 -25.35 9.47
C SER A 465 15.60 -24.49 10.71
N ASP A 466 15.97 -23.21 10.65
CA ASP A 466 15.80 -22.31 11.79
C ASP A 466 14.71 -21.28 11.52
N ILE A 467 13.85 -21.05 12.51
CA ILE A 467 12.76 -20.09 12.37
C ILE A 467 13.30 -18.66 12.27
N ASP A 468 14.48 -18.43 12.84
CA ASP A 468 15.10 -17.11 12.81
C ASP A 468 15.74 -16.80 11.46
N VAL A 469 15.56 -17.69 10.50
CA VAL A 469 16.11 -17.51 9.15
C VAL A 469 14.97 -17.33 8.13
N MET A 470 13.74 -17.58 8.58
CA MET A 470 12.57 -17.45 7.71
C MET A 470 12.47 -16.05 7.11
N GLU A 471 12.27 -15.98 5.80
CA GLU A 471 12.22 -14.71 5.08
C GLU A 471 10.89 -13.99 5.29
N LEU A 472 10.90 -12.67 5.07
CA LEU A 472 9.72 -11.84 5.34
C LEU A 472 8.56 -12.09 4.39
N TYR A 473 8.81 -11.94 3.09
CA TYR A 473 7.73 -12.01 2.10
C TYR A 473 6.99 -13.35 2.08
N PRO A 474 7.70 -14.49 2.01
CA PRO A 474 6.91 -15.73 2.01
C PRO A 474 6.21 -15.99 3.34
N ALA A 475 6.72 -15.42 4.42
CA ALA A 475 6.09 -15.56 5.73
C ALA A 475 4.75 -14.83 5.76
N LEU A 476 4.70 -13.66 5.14
CA LEU A 476 3.49 -12.86 5.08
C LEU A 476 2.34 -13.59 4.39
N LEU A 477 2.67 -14.44 3.43
CA LEU A 477 1.65 -15.13 2.65
C LEU A 477 1.21 -16.45 3.28
N VAL A 478 2.09 -17.07 4.07
CA VAL A 478 1.76 -18.34 4.72
C VAL A 478 1.35 -18.17 6.17
N GLU A 479 1.50 -16.96 6.69
CA GLU A 479 1.22 -16.69 8.10
C GLU A 479 -0.20 -17.04 8.48
N LYS A 480 -0.36 -17.62 9.67
CA LYS A 480 -1.67 -17.88 10.23
C LYS A 480 -2.51 -16.61 10.26
N PRO A 481 -3.63 -16.61 9.52
CA PRO A 481 -4.49 -15.43 9.49
C PRO A 481 -5.20 -15.23 10.81
N ARG A 482 -5.54 -13.98 11.13
CA ARG A 482 -6.47 -13.72 12.23
C ARG A 482 -7.79 -14.40 11.89
N PRO A 483 -8.55 -14.81 12.91
CA PRO A 483 -9.84 -15.47 12.70
C PRO A 483 -10.76 -14.71 11.73
N ASP A 484 -11.09 -15.37 10.62
CA ASP A 484 -11.99 -14.81 9.60
C ASP A 484 -11.44 -13.54 8.95
N ALA A 485 -10.12 -13.37 8.98
CA ALA A 485 -9.49 -12.19 8.41
C ALA A 485 -8.64 -12.52 7.20
N ILE A 486 -8.27 -11.50 6.43
CA ILE A 486 -7.50 -11.67 5.22
C ILE A 486 -5.98 -11.69 5.50
N PHE A 487 -5.59 -11.11 6.63
CA PHE A 487 -4.17 -10.95 6.96
C PHE A 487 -3.79 -11.65 8.24
N GLY A 488 -2.48 -11.85 8.42
CA GLY A 488 -1.93 -12.31 9.68
C GLY A 488 -1.49 -11.09 10.48
N GLU A 489 -0.85 -11.35 11.62
CA GLU A 489 -0.43 -10.27 12.52
C GLU A 489 0.67 -9.39 11.93
N THR A 490 1.63 -10.02 11.24
CA THR A 490 2.79 -9.31 10.73
C THR A 490 2.43 -8.31 9.63
N MET A 491 1.50 -8.70 8.76
CA MET A 491 1.10 -7.85 7.64
C MET A 491 0.47 -6.55 8.12
N VAL A 492 -0.35 -6.64 9.15
CA VAL A 492 -1.06 -5.47 9.68
C VAL A 492 -0.12 -4.56 10.47
N GLU A 493 0.69 -5.15 11.34
CA GLU A 493 1.56 -4.37 12.22
C GLU A 493 2.74 -3.75 11.48
N LEU A 494 3.02 -4.24 10.28
CA LEU A 494 4.03 -3.63 9.41
C LEU A 494 3.37 -2.66 8.44
N GLY A 495 2.27 -3.10 7.82
CA GLY A 495 1.59 -2.32 6.82
C GLY A 495 0.96 -1.04 7.33
N ALA A 496 0.39 -1.09 8.53
CA ALA A 496 -0.32 0.06 9.08
C ALA A 496 0.57 1.30 9.31
N PRO A 497 1.77 1.13 9.92
CA PRO A 497 2.62 2.31 10.08
C PRO A 497 3.00 2.96 8.75
N PHE A 498 3.46 2.17 7.79
CA PHE A 498 3.80 2.67 6.46
C PHE A 498 2.64 3.38 5.80
N SER A 499 1.47 2.75 5.85
CA SER A 499 0.28 3.24 5.16
C SER A 499 -0.21 4.58 5.70
N LEU A 500 -0.47 4.62 7.01
CA LEU A 500 -1.02 5.82 7.65
C LEU A 500 -0.04 6.99 7.60
N LYS A 501 1.24 6.69 7.74
CA LYS A 501 2.28 7.73 7.67
C LYS A 501 2.33 8.35 6.26
N GLY A 502 2.15 7.51 5.26
CA GLY A 502 2.19 7.97 3.87
C GLY A 502 1.00 8.84 3.51
N LEU A 503 -0.13 8.62 4.19
CA LEU A 503 -1.34 9.36 3.90
C LEU A 503 -1.37 10.72 4.61
N MET A 504 -1.01 10.74 5.89
CA MET A 504 -1.06 11.96 6.69
C MET A 504 0.21 12.81 6.50
N GLY A 505 1.28 12.20 6.01
CA GLY A 505 2.52 12.91 5.79
C GLY A 505 2.50 13.77 4.55
N ASN A 506 1.33 13.86 3.92
CA ASN A 506 1.14 14.68 2.73
C ASN A 506 1.05 16.16 3.10
N PRO A 507 1.64 17.04 2.27
CA PRO A 507 1.64 18.48 2.56
C PRO A 507 0.25 19.12 2.66
N ILE A 508 -0.76 18.55 2.01
CA ILE A 508 -2.10 19.14 2.08
C ILE A 508 -2.74 18.87 3.45
N CYS A 509 -2.14 17.98 4.22
CA CYS A 509 -2.61 17.69 5.57
C CYS A 509 -1.99 18.64 6.58
N SER A 510 -0.96 19.36 6.14
CA SER A 510 -0.27 20.33 6.99
C SER A 510 -1.15 21.55 7.22
N PRO A 511 -1.05 22.17 8.41
CA PRO A 511 -1.87 23.32 8.81
C PRO A 511 -1.93 24.46 7.78
N GLN A 512 -0.80 24.78 7.15
CA GLN A 512 -0.80 25.88 6.18
C GLN A 512 -1.58 25.54 4.90
N TYR A 513 -1.74 24.25 4.61
CA TYR A 513 -2.46 23.82 3.42
C TYR A 513 -3.92 23.49 3.71
N TRP A 514 -4.19 22.93 4.88
CA TRP A 514 -5.52 22.43 5.20
C TRP A 514 -6.50 23.55 5.54
N LYS A 515 -6.94 24.28 4.52
CA LYS A 515 -7.89 25.38 4.68
C LYS A 515 -8.64 25.60 3.37
N PRO A 516 -9.90 26.06 3.45
CA PRO A 516 -10.79 26.21 2.29
C PRO A 516 -10.18 26.92 1.08
N SER A 517 -9.37 27.96 1.31
CA SER A 517 -8.82 28.74 0.21
C SER A 517 -7.88 27.90 -0.67
N THR A 518 -7.21 26.93 -0.05
CA THR A 518 -6.33 26.03 -0.79
C THR A 518 -7.08 25.27 -1.87
N PHE A 519 -8.34 24.95 -1.57
CA PHE A 519 -9.13 24.10 -2.46
C PHE A 519 -10.24 24.86 -3.17
N GLY A 520 -10.07 26.18 -3.26
CA GLY A 520 -11.00 27.01 -4.03
C GLY A 520 -12.25 27.44 -3.31
N GLY A 521 -12.23 27.36 -1.98
CA GLY A 521 -13.37 27.78 -1.18
C GLY A 521 -14.03 26.63 -0.45
N GLU A 522 -15.15 26.90 0.20
CA GLU A 522 -15.86 25.90 0.99
C GLU A 522 -16.44 24.79 0.13
N VAL A 523 -16.79 25.12 -1.11
CA VAL A 523 -17.35 24.14 -2.03
C VAL A 523 -16.33 23.06 -2.37
N GLY A 524 -15.14 23.49 -2.76
CA GLY A 524 -14.05 22.58 -3.07
C GLY A 524 -13.63 21.78 -1.84
N PHE A 525 -13.58 22.45 -0.70
CA PHE A 525 -13.22 21.81 0.56
C PHE A 525 -14.19 20.69 0.90
N LYS A 526 -15.47 20.94 0.66
CA LYS A 526 -16.53 19.98 0.99
C LYS A 526 -16.47 18.74 0.10
N ILE A 527 -15.97 18.91 -1.12
CA ILE A 527 -15.79 17.78 -2.03
C ILE A 527 -14.88 16.73 -1.40
N ILE A 528 -13.84 17.19 -0.72
CA ILE A 528 -12.88 16.32 -0.05
C ILE A 528 -13.49 15.65 1.18
N ASN A 529 -14.10 16.46 2.03
CA ASN A 529 -14.58 15.98 3.32
C ASN A 529 -15.84 15.13 3.25
N THR A 530 -16.45 15.06 2.06
CA THR A 530 -17.64 14.24 1.86
C THR A 530 -17.39 13.11 0.86
N ALA A 531 -16.14 12.97 0.42
CA ALA A 531 -15.78 11.98 -0.60
C ALA A 531 -15.92 10.55 -0.07
N SER A 532 -16.26 9.65 -0.97
CA SER A 532 -16.36 8.23 -0.64
C SER A 532 -16.26 7.39 -1.91
N ILE A 533 -16.00 6.11 -1.76
CA ILE A 533 -15.87 5.22 -2.92
C ILE A 533 -17.20 5.08 -3.65
N GLN A 534 -18.31 5.18 -2.92
CA GLN A 534 -19.63 5.11 -3.53
C GLN A 534 -19.94 6.38 -4.31
N SER A 535 -19.65 7.53 -3.71
CA SER A 535 -19.93 8.81 -4.34
C SER A 535 -19.03 9.03 -5.57
N LEU A 536 -17.84 8.45 -5.54
CA LEU A 536 -16.92 8.55 -6.67
C LEU A 536 -17.51 7.83 -7.89
N ILE A 537 -18.01 6.63 -7.66
CA ILE A 537 -18.63 5.84 -8.72
C ILE A 537 -19.99 6.44 -9.12
N CYS A 538 -20.74 6.90 -8.12
CA CYS A 538 -22.06 7.47 -8.36
C CYS A 538 -22.01 8.69 -9.28
N ASN A 539 -21.00 9.54 -9.09
CA ASN A 539 -20.89 10.77 -9.85
C ASN A 539 -20.27 10.60 -11.23
N ASN A 540 -19.56 9.50 -11.44
CA ASN A 540 -18.77 9.34 -12.66
C ASN A 540 -19.08 8.09 -13.47
N VAL A 541 -19.96 7.23 -12.95
CA VAL A 541 -20.36 6.05 -13.70
C VAL A 541 -21.85 6.12 -14.05
N LYS A 542 -22.18 5.71 -15.27
CA LYS A 542 -23.55 5.80 -15.77
C LYS A 542 -24.54 4.98 -14.95
N GLY A 543 -25.61 5.63 -14.50
CA GLY A 543 -26.66 4.96 -13.76
C GLY A 543 -26.48 5.03 -12.27
N CYS A 544 -25.33 5.56 -11.83
CA CYS A 544 -24.96 5.60 -10.42
C CYS A 544 -25.11 4.22 -9.77
N PRO A 545 -24.32 3.23 -10.24
CA PRO A 545 -24.49 1.88 -9.73
C PRO A 545 -24.02 1.74 -8.29
N PHE A 546 -24.60 0.78 -7.56
CA PHE A 546 -24.16 0.48 -6.22
C PHE A 546 -22.75 -0.11 -6.27
N THR A 547 -21.91 0.28 -5.32
CA THR A 547 -20.57 -0.29 -5.22
C THR A 547 -20.09 -0.36 -3.79
N SER A 548 -19.09 -1.20 -3.56
CA SER A 548 -18.54 -1.44 -2.24
C SER A 548 -17.28 -2.27 -2.36
N PHE A 549 -16.44 -2.26 -1.33
CA PHE A 549 -15.24 -3.08 -1.30
C PHE A 549 -15.53 -4.48 -0.75
N ASN A 550 -16.79 -4.70 -0.39
CA ASN A 550 -17.21 -5.95 0.24
C ASN A 550 -18.39 -6.61 -0.50
N VAL A 551 -18.19 -7.85 -0.94
CA VAL A 551 -19.24 -8.59 -1.64
C VAL A 551 -20.43 -8.88 -0.73
N GLN A 552 -20.20 -8.88 0.57
CA GLN A 552 -21.22 -9.23 1.54
C GLN A 552 -22.27 -8.13 1.73
N ASP A 553 -21.95 -6.92 1.29
CA ASP A 553 -22.85 -5.78 1.45
C ASP A 553 -24.09 -5.90 0.57
N PRO A 554 -25.28 -5.86 1.19
CA PRO A 554 -26.56 -5.92 0.48
C PRO A 554 -26.86 -4.63 -0.29
N GLN A 555 -27.38 -4.79 -1.51
CA GLN A 555 -27.76 -3.65 -2.33
C GLN A 555 -29.25 -3.33 -2.15
N PRO A 556 -29.57 -2.11 -1.69
CA PRO A 556 -30.94 -1.71 -1.33
C PRO A 556 -31.91 -1.68 -2.52
N THR A 557 -33.19 -1.53 -2.20
CA THR A 557 -34.27 -1.50 -3.20
C THR A 557 -34.29 -2.79 -4.03
C1 NAG B . 21.49 8.31 -6.72
C2 NAG B . 22.52 9.07 -7.53
C3 NAG B . 22.59 8.51 -8.95
C4 NAG B . 22.94 7.02 -8.87
C5 NAG B . 21.96 6.28 -7.96
C6 NAG B . 22.43 4.88 -7.65
C7 NAG B . 21.15 11.08 -8.02
C8 NAG B . 21.10 12.58 -7.96
N2 NAG B . 22.25 10.51 -7.55
O3 NAG B . 23.58 9.20 -9.70
O4 NAG B . 22.90 6.44 -10.16
O5 NAG B . 21.87 6.93 -6.67
O6 NAG B . 23.74 4.88 -7.13
O7 NAG B . 20.21 10.42 -8.49
C1 NAG B . 24.23 6.09 -10.59
C2 NAG B . 24.15 4.84 -11.48
C3 NAG B . 25.51 4.52 -12.09
C4 NAG B . 26.12 5.75 -12.75
C5 NAG B . 26.15 6.90 -11.75
C6 NAG B . 26.69 8.19 -12.34
C7 NAG B . 22.44 3.16 -10.91
C8 NAG B . 22.11 1.97 -10.05
N2 NAG B . 23.65 3.69 -10.73
O3 NAG B . 25.36 3.49 -13.05
O4 NAG B . 27.45 5.47 -13.19
O5 NAG B . 24.81 7.17 -11.31
O6 NAG B . 26.11 9.32 -11.71
O7 NAG B . 21.65 3.61 -11.74
C1 BOG C . -1.11 -0.28 18.04
O1 BOG C . -2.29 0.47 18.11
C2 BOG C . 0.10 0.62 18.05
O2 BOG C . 0.07 1.41 16.93
C3 BOG C . 1.39 -0.20 18.07
O3 BOG C . 2.45 0.64 18.35
C4 BOG C . 1.31 -1.29 19.09
O4 BOG C . 2.38 -2.19 18.93
C5 BOG C . 0.00 -2.01 18.96
O5 BOG C . -1.09 -1.14 19.12
C6 BOG C . -0.11 -3.05 20.03
O6 BOG C . -0.32 -2.43 21.25
C1' BOG C . -3.13 0.54 17.00
C2' BOG C . -4.60 0.53 17.47
C3' BOG C . -4.74 1.37 18.72
C4' BOG C . -6.23 1.72 18.91
C5' BOG C . -6.65 1.50 20.39
C6' BOG C . -8.13 1.83 20.55
C7' BOG C . -8.58 1.53 21.99
C8' BOG C . -8.47 0.03 22.26
C1 NAG D . 24.75 -8.94 24.02
C2 NAG D . 24.90 -9.75 25.31
C3 NAG D . 26.06 -10.74 25.20
C4 NAG D . 25.90 -11.60 23.95
C5 NAG D . 25.76 -10.70 22.73
C6 NAG D . 25.53 -11.47 21.44
C7 NAG D . 24.23 -8.75 27.47
C8 NAG D . 24.60 -7.79 28.55
N2 NAG D . 25.10 -8.86 26.45
O3 NAG D . 26.08 -11.56 26.36
O4 NAG D . 27.04 -12.45 23.81
O5 NAG D . 24.63 -9.84 22.91
O6 NAG D . 24.43 -10.95 20.71
O7 NAG D . 23.19 -9.40 27.50
C1 NAG E . -10.31 -9.22 -26.32
C2 NAG E . -9.86 -10.51 -27.00
C3 NAG E . -10.71 -10.77 -28.25
C4 NAG E . -12.19 -10.73 -27.90
C5 NAG E . -12.54 -9.43 -27.17
C6 NAG E . -13.97 -9.38 -26.69
C7 NAG E . -7.55 -11.31 -26.86
C8 NAG E . -6.14 -11.11 -27.32
N2 NAG E . -8.45 -10.46 -27.35
O3 NAG E . -10.37 -12.04 -28.79
O4 NAG E . -12.98 -10.84 -29.08
O5 NAG E . -11.70 -9.29 -26.01
O6 NAG E . -14.27 -8.10 -26.13
O7 NAG E . -7.86 -12.21 -26.07
C1 IBP F . -4.44 0.26 11.95
C2 IBP F . -3.66 -1.73 5.80
C3 IBP F . -2.21 -2.08 5.82
C4 IBP F . -2.03 -3.46 6.35
C5 IBP F . -1.69 -2.01 4.43
C6 IBP F . -5.52 0.23 10.91
C7 IBP F . -6.08 1.60 10.75
C8 IBP F . -5.01 -0.27 9.59
C9 IBP F . -5.32 -1.56 9.18
C10 IBP F . -4.87 -2.02 7.96
C11 IBP F . -4.12 -1.21 7.13
C12 IBP F . -3.82 0.10 7.52
C13 IBP F . -4.27 0.57 8.76
O1 IBP F . -4.47 -0.57 12.90
O2 IBP F . -3.51 1.10 11.88
#